data_5D46
#
_entry.id   5D46
#
_cell.length_a   55.980
_cell.length_b   75.000
_cell.length_c   125.910
_cell.angle_alpha   90.00
_cell.angle_beta   98.13
_cell.angle_gamma   90.00
#
_symmetry.space_group_name_H-M   'C 1 2 1'
#
loop_
_entity.id
_entity.type
_entity.pdbx_description
1 polymer 'Terminal deoxynucleotidyltransferase'
2 polymer "DNA (5'-D(*AP*AP*AP*AP*AP*A)-3')"
3 polymer "DNA (5'-D(*TP*TP*TP*TP*TP*GP*C)-3')"
4 non-polymer 'MAGNESIUM ION'
5 non-polymer 'SODIUM ION'
6 non-polymer 'PYROPHOSPHATE 2-'
7 non-polymer 'SULFATE ION'
8 non-polymer 'ACETATE ION'
9 water water
#
loop_
_entity_poly.entity_id
_entity_poly.type
_entity_poly.pdbx_seq_one_letter_code
_entity_poly.pdbx_strand_id
1 'polypeptide(L)'
;MGSSHHHHHHSSGLVPRGSHMSPSPVPGSQNVPAPAVKKISQYACQRRTTLNNYNQLFTDALDILAENDELRENEGSCLA
FMRASSVLKSLPFPITSMKDTEGIPCLGDKVKSIIEGIIEDGESSEAKAVLNDERYKSFKLFTSVFGVGLKTAEKWFRMG
FRTLSKIQSDKSLRFTQMQKAGFLYYEDLVSCVNRPEAEAVSMLVKEAVVTFLPDALVTMTGGFRRGKMTGHDVDFLITS
PEATEDEEQQLLHKVTDFWKQQGLLLYCDILESTFEKFKQPSRKVDALDHFQKCFLILKLDHGRVHSEKSGQQEGKGWKA
IRVDLVMCPYDRRAFALLGWTGSRQFERDLRRYATHERKMMLDNHALYDRTKRVFLEAESEEEIFAHLGLDYIEPWERNA
;
A
2 'polydeoxyribonucleotide' (DA)(DA)(DA)(DA)(DA)(DC) B,E
3 'polydeoxyribonucleotide' (DT)(DT)(DT)(DT)(DT)(DG)(DC) C,D
#
# COMPACT_ATOMS: atom_id res chain seq x y z
N LYS A 39 -27.50 -5.65 -2.84
CA LYS A 39 -26.92 -4.81 -3.88
C LYS A 39 -25.41 -4.69 -3.60
N ILE A 40 -25.02 -3.73 -2.72
CA ILE A 40 -23.66 -3.44 -2.30
C ILE A 40 -23.28 -4.38 -1.15
N SER A 41 -22.03 -4.87 -1.20
CA SER A 41 -21.44 -5.77 -0.22
C SER A 41 -20.51 -5.02 0.75
N GLN A 42 -20.44 -5.47 2.00
CA GLN A 42 -19.54 -4.95 3.05
C GLN A 42 -18.05 -5.34 2.69
N TYR A 43 -17.86 -6.23 1.69
CA TYR A 43 -16.56 -6.70 1.28
C TYR A 43 -16.04 -5.97 0.05
N ALA A 44 -14.78 -5.43 0.14
CA ALA A 44 -14.08 -4.71 -0.94
C ALA A 44 -13.85 -5.54 -2.18
N CYS A 45 -13.69 -6.86 -2.01
CA CYS A 45 -13.50 -7.83 -3.09
C CYS A 45 -14.78 -8.13 -3.91
N GLN A 46 -15.96 -7.61 -3.46
CA GLN A 46 -17.27 -7.82 -4.10
C GLN A 46 -17.88 -6.48 -4.52
N ARG A 47 -17.01 -5.54 -4.87
CA ARG A 47 -17.35 -4.20 -5.29
C ARG A 47 -16.31 -3.80 -6.28
N ARG A 48 -16.69 -3.17 -7.40
CA ARG A 48 -15.74 -2.64 -8.37
C ARG A 48 -15.51 -1.19 -7.95
N THR A 49 -14.28 -0.87 -7.48
CA THR A 49 -13.88 0.48 -7.05
C THR A 49 -12.81 1.02 -8.00
N THR A 50 -13.16 2.08 -8.73
CA THR A 50 -12.29 2.75 -9.68
C THR A 50 -11.75 4.04 -9.04
N LEU A 51 -10.78 4.68 -9.72
CA LEU A 51 -10.20 5.93 -9.25
C LEU A 51 -11.16 7.12 -9.49
N ASN A 52 -12.28 6.84 -10.19
CA ASN A 52 -13.34 7.79 -10.49
C ASN A 52 -14.31 7.83 -9.29
N ASN A 53 -13.93 8.61 -8.25
CA ASN A 53 -14.70 8.79 -7.02
C ASN A 53 -15.63 9.99 -7.17
N TYR A 54 -16.90 9.82 -6.79
CA TYR A 54 -17.89 10.90 -6.82
C TYR A 54 -18.18 11.46 -5.41
N ASN A 55 -17.67 10.77 -4.39
CA ASN A 55 -17.84 11.13 -2.98
C ASN A 55 -16.53 11.58 -2.30
N GLN A 56 -15.59 12.20 -3.06
CA GLN A 56 -14.31 12.71 -2.54
C GLN A 56 -14.46 13.62 -1.30
N LEU A 57 -15.52 14.45 -1.22
CA LEU A 57 -15.75 15.32 -0.06
C LEU A 57 -15.88 14.49 1.22
N PHE A 58 -16.65 13.38 1.14
CA PHE A 58 -16.94 12.47 2.24
C PHE A 58 -15.74 11.58 2.63
N THR A 59 -15.15 10.90 1.65
CA THR A 59 -14.05 9.96 1.86
C THR A 59 -12.84 10.67 2.47
N ASP A 60 -12.47 11.87 1.98
CA ASP A 60 -11.36 12.66 2.54
C ASP A 60 -11.57 12.86 4.05
N ALA A 61 -12.80 13.25 4.45
CA ALA A 61 -13.18 13.48 5.84
C ALA A 61 -13.05 12.23 6.68
N LEU A 62 -13.48 11.09 6.12
CA LEU A 62 -13.46 9.76 6.75
C LEU A 62 -12.02 9.21 6.89
N ASP A 63 -11.15 9.50 5.90
CA ASP A 63 -9.74 9.14 5.88
C ASP A 63 -8.99 9.81 7.03
N ILE A 64 -9.31 11.08 7.30
CA ILE A 64 -8.77 11.87 8.39
C ILE A 64 -9.26 11.24 9.71
N LEU A 65 -10.58 11.02 9.85
CA LEU A 65 -11.17 10.43 11.06
C LEU A 65 -10.65 9.02 11.37
N ALA A 66 -10.29 8.23 10.34
CA ALA A 66 -9.70 6.89 10.50
C ALA A 66 -8.28 7.06 11.11
N GLU A 67 -7.41 7.86 10.42
CA GLU A 67 -6.04 8.21 10.82
C GLU A 67 -6.00 8.79 12.23
N ASN A 68 -7.08 9.45 12.66
CA ASN A 68 -7.12 9.99 14.01
C ASN A 68 -7.21 8.87 15.02
N ASP A 69 -8.01 7.83 14.72
CA ASP A 69 -8.14 6.68 15.59
C ASP A 69 -6.93 5.72 15.45
N GLU A 70 -6.20 5.81 14.30
CA GLU A 70 -4.97 5.05 14.05
C GLU A 70 -3.89 5.45 15.08
N LEU A 71 -3.60 6.76 15.22
CA LEU A 71 -2.58 7.30 16.13
C LEU A 71 -2.91 7.05 17.61
N ARG A 72 -4.20 7.02 17.97
CA ARG A 72 -4.63 6.78 19.34
C ARG A 72 -4.67 5.26 19.65
N GLU A 73 -4.39 4.42 18.61
CA GLU A 73 -4.37 2.95 18.58
C GLU A 73 -5.78 2.35 18.80
N ASN A 74 -6.85 3.13 18.46
CA ASN A 74 -8.25 2.71 18.50
C ASN A 74 -8.52 1.96 17.18
N GLU A 75 -7.96 0.73 17.06
CA GLU A 75 -7.97 -0.14 15.87
C GLU A 75 -9.36 -0.49 15.31
N GLY A 76 -10.35 -0.66 16.17
CA GLY A 76 -11.71 -0.97 15.75
C GLY A 76 -12.39 0.21 15.11
N SER A 77 -12.37 1.38 15.79
CA SER A 77 -12.93 2.64 15.30
C SER A 77 -12.25 3.05 13.99
N CYS A 78 -10.89 2.96 13.95
CA CYS A 78 -10.06 3.30 12.79
C CYS A 78 -10.55 2.59 11.55
N LEU A 79 -10.67 1.25 11.62
CA LEU A 79 -11.15 0.40 10.52
C LEU A 79 -12.62 0.70 10.14
N ALA A 80 -13.47 1.09 11.12
CA ALA A 80 -14.85 1.42 10.81
C ALA A 80 -14.92 2.55 9.82
N PHE A 81 -14.14 3.65 10.03
CA PHE A 81 -14.06 4.79 9.11
C PHE A 81 -13.38 4.40 7.80
N MET A 82 -12.45 3.41 7.87
CA MET A 82 -11.74 2.88 6.70
C MET A 82 -12.71 2.13 5.78
N ARG A 83 -13.70 1.44 6.35
CA ARG A 83 -14.67 0.68 5.56
C ARG A 83 -15.75 1.58 4.98
N ALA A 84 -16.18 2.60 5.75
CA ALA A 84 -17.17 3.60 5.36
C ALA A 84 -16.58 4.41 4.20
N SER A 85 -15.35 4.96 4.34
CA SER A 85 -14.66 5.65 3.26
C SER A 85 -14.49 4.76 2.03
N SER A 86 -14.20 3.47 2.22
CA SER A 86 -13.99 2.53 1.11
C SER A 86 -15.23 2.22 0.34
N VAL A 87 -16.36 1.94 1.05
CA VAL A 87 -17.64 1.58 0.44
C VAL A 87 -18.18 2.75 -0.42
N LEU A 88 -17.92 4.03 0.00
CA LEU A 88 -18.33 5.26 -0.69
C LEU A 88 -17.58 5.50 -2.00
N LYS A 89 -16.24 5.26 -2.03
CA LYS A 89 -15.36 5.34 -3.22
C LYS A 89 -15.85 4.43 -4.37
N SER A 90 -16.70 3.41 -4.05
CA SER A 90 -17.25 2.42 -4.98
C SER A 90 -18.55 2.88 -5.64
N LEU A 91 -19.26 3.84 -5.00
CA LEU A 91 -20.55 4.37 -5.49
C LEU A 91 -20.43 4.99 -6.87
N PRO A 92 -21.31 4.59 -7.81
CA PRO A 92 -21.22 5.13 -9.17
C PRO A 92 -21.82 6.53 -9.33
N PHE A 93 -22.22 7.19 -8.23
CA PHE A 93 -22.86 8.51 -8.21
C PHE A 93 -22.46 9.28 -6.93
N PRO A 94 -22.65 10.62 -6.85
CA PRO A 94 -22.35 11.35 -5.59
C PRO A 94 -23.54 11.41 -4.61
N ILE A 95 -23.27 11.38 -3.30
CA ILE A 95 -24.32 11.48 -2.29
C ILE A 95 -24.72 12.94 -2.18
N THR A 96 -26.02 13.23 -2.42
CA THR A 96 -26.58 14.58 -2.35
C THR A 96 -27.64 14.69 -1.24
N SER A 97 -28.22 13.53 -0.83
CA SER A 97 -29.20 13.42 0.25
C SER A 97 -29.03 12.14 1.06
N MET A 98 -29.58 12.12 2.30
CA MET A 98 -29.53 10.97 3.20
C MET A 98 -30.27 9.76 2.64
N LYS A 99 -31.29 9.99 1.78
CA LYS A 99 -32.04 8.92 1.13
C LYS A 99 -31.06 8.06 0.30
N ASP A 100 -29.99 8.68 -0.25
CA ASP A 100 -28.97 8.02 -1.05
C ASP A 100 -28.16 6.98 -0.27
N THR A 101 -27.78 7.29 1.01
CA THR A 101 -27.00 6.38 1.87
C THR A 101 -27.71 5.06 2.22
N GLU A 102 -29.05 5.06 2.29
CA GLU A 102 -29.84 3.87 2.63
C GLU A 102 -29.56 2.75 1.64
N GLY A 103 -29.22 1.58 2.19
CA GLY A 103 -28.89 0.37 1.44
C GLY A 103 -27.40 0.08 1.34
N ILE A 104 -26.58 1.08 1.73
CA ILE A 104 -25.13 0.99 1.69
C ILE A 104 -24.58 0.47 3.02
N PRO A 105 -23.82 -0.66 3.01
CA PRO A 105 -23.30 -1.20 4.27
C PRO A 105 -22.16 -0.36 4.85
N CYS A 106 -21.61 -0.78 6.01
CA CYS A 106 -20.48 -0.14 6.70
C CYS A 106 -20.74 1.33 7.19
N LEU A 107 -22.00 1.81 7.03
CA LEU A 107 -22.46 3.13 7.48
C LEU A 107 -23.46 2.95 8.63
N GLY A 108 -22.99 3.23 9.84
CA GLY A 108 -23.79 3.19 11.06
C GLY A 108 -24.14 4.60 11.48
N ASP A 109 -24.38 4.81 12.79
CA ASP A 109 -24.75 6.13 13.32
C ASP A 109 -23.67 7.20 13.08
N LYS A 110 -22.49 7.03 13.67
CA LYS A 110 -21.38 7.98 13.54
C LYS A 110 -21.14 8.45 12.10
N VAL A 111 -21.01 7.50 11.15
CA VAL A 111 -20.72 7.76 9.72
C VAL A 111 -21.86 8.54 9.02
N LYS A 112 -23.12 8.13 9.27
CA LYS A 112 -24.28 8.80 8.67
C LYS A 112 -24.35 10.26 9.09
N SER A 113 -23.88 10.58 10.32
CA SER A 113 -23.84 11.95 10.87
C SER A 113 -22.75 12.79 10.21
N ILE A 114 -21.58 12.17 9.87
CA ILE A 114 -20.47 12.84 9.17
C ILE A 114 -21.04 13.33 7.82
N ILE A 115 -21.74 12.41 7.09
CA ILE A 115 -22.40 12.60 5.79
C ILE A 115 -23.50 13.64 5.91
N GLU A 116 -24.23 13.62 7.04
CA GLU A 116 -25.30 14.58 7.34
C GLU A 116 -24.68 15.98 7.43
N GLY A 117 -23.55 16.08 8.14
CA GLY A 117 -22.82 17.34 8.34
C GLY A 117 -22.24 17.95 7.08
N ILE A 118 -21.88 17.11 6.10
CA ILE A 118 -21.29 17.53 4.82
C ILE A 118 -22.38 17.92 3.79
N ILE A 119 -23.53 17.19 3.77
CA ILE A 119 -24.64 17.44 2.83
C ILE A 119 -25.09 18.90 2.87
N GLU A 120 -25.06 19.55 4.06
CA GLU A 120 -25.41 20.96 4.29
C GLU A 120 -24.21 21.88 4.04
N ASP A 121 -23.35 22.05 5.06
CA ASP A 121 -22.15 22.89 5.06
C ASP A 121 -21.27 22.79 3.84
N GLY A 122 -21.03 21.56 3.38
CA GLY A 122 -20.09 21.27 2.31
C GLY A 122 -18.69 21.11 2.88
N GLU A 123 -18.63 20.92 4.23
CA GLU A 123 -17.43 20.78 5.04
C GLU A 123 -17.68 19.92 6.30
N SER A 124 -16.66 19.14 6.76
CA SER A 124 -16.78 18.29 7.95
C SER A 124 -16.16 18.94 9.18
N SER A 125 -17.01 19.28 10.19
CA SER A 125 -16.62 19.91 11.45
C SER A 125 -15.79 18.96 12.32
N GLU A 126 -15.97 17.65 12.12
CA GLU A 126 -15.27 16.57 12.80
C GLU A 126 -13.83 16.50 12.27
N ALA A 127 -13.69 16.41 10.93
CA ALA A 127 -12.41 16.36 10.22
C ALA A 127 -11.64 17.68 10.28
N LYS A 128 -12.32 18.85 10.21
CA LYS A 128 -11.67 20.18 10.33
C LYS A 128 -11.10 20.40 11.74
N ALA A 129 -11.63 19.66 12.76
CA ALA A 129 -11.18 19.66 14.15
C ALA A 129 -9.90 18.83 14.30
N VAL A 130 -9.90 17.58 13.77
CA VAL A 130 -8.76 16.67 13.80
C VAL A 130 -7.56 17.33 13.11
N LEU A 131 -7.77 17.90 11.90
CA LEU A 131 -6.74 18.62 11.12
C LEU A 131 -6.07 19.76 11.90
N ASN A 132 -6.76 20.30 12.94
CA ASN A 132 -6.26 21.37 13.81
C ASN A 132 -5.91 20.88 15.23
N ASP A 133 -5.51 19.59 15.33
CA ASP A 133 -5.07 18.96 16.59
C ASP A 133 -3.55 18.75 16.52
N GLU A 134 -2.87 19.03 17.64
CA GLU A 134 -1.41 18.93 17.73
C GLU A 134 -0.91 17.52 17.56
N ARG A 135 -1.53 16.54 18.27
CA ARG A 135 -1.19 15.12 18.17
C ARG A 135 -1.28 14.63 16.75
N TYR A 136 -2.42 14.88 16.09
CA TYR A 136 -2.66 14.47 14.71
C TYR A 136 -1.70 15.14 13.72
N LYS A 137 -1.64 16.48 13.70
CA LYS A 137 -0.75 17.25 12.82
C LYS A 137 0.68 16.69 12.88
N SER A 138 1.20 16.47 14.13
CA SER A 138 2.54 15.97 14.39
C SER A 138 2.71 14.52 13.99
N PHE A 139 1.76 13.63 14.33
CA PHE A 139 1.76 12.22 13.90
C PHE A 139 1.83 12.14 12.39
N LYS A 140 0.92 12.88 11.69
CA LYS A 140 0.86 12.89 10.23
C LYS A 140 2.20 13.31 9.65
N LEU A 141 2.80 14.33 10.25
CA LEU A 141 4.06 14.90 9.83
C LEU A 141 5.23 13.96 10.02
N PHE A 142 5.44 13.51 11.27
CA PHE A 142 6.56 12.65 11.67
C PHE A 142 6.61 11.32 10.90
N THR A 143 5.46 10.63 10.75
CA THR A 143 5.36 9.33 10.06
C THR A 143 5.62 9.42 8.58
N SER A 144 5.44 10.61 8.00
CA SER A 144 5.69 10.88 6.57
C SER A 144 7.16 10.72 6.18
N VAL A 145 8.06 10.41 7.16
CA VAL A 145 9.50 10.17 7.00
C VAL A 145 9.68 8.66 6.84
N PHE A 146 10.53 8.22 5.89
CA PHE A 146 10.80 6.80 5.69
C PHE A 146 11.59 6.38 6.92
N GLY A 147 11.14 5.32 7.59
CA GLY A 147 11.77 4.84 8.81
C GLY A 147 11.07 5.22 10.10
N VAL A 148 10.14 6.20 10.05
CA VAL A 148 9.37 6.65 11.23
C VAL A 148 7.92 6.14 11.17
N GLY A 149 7.48 5.49 12.23
CA GLY A 149 6.13 4.96 12.32
C GLY A 149 5.42 5.43 13.58
N LEU A 150 4.33 4.75 13.95
CA LEU A 150 3.50 5.09 15.10
C LEU A 150 4.26 5.33 16.39
N LYS A 151 5.11 4.38 16.77
CA LYS A 151 5.86 4.42 18.03
C LYS A 151 6.91 5.51 18.11
N THR A 152 7.70 5.72 17.06
CA THR A 152 8.70 6.78 17.05
C THR A 152 8.04 8.19 17.07
N ALA A 153 6.95 8.41 16.27
CA ALA A 153 6.20 9.68 16.22
C ALA A 153 5.65 10.05 17.60
N GLU A 154 5.11 9.04 18.33
CA GLU A 154 4.58 9.18 19.68
C GLU A 154 5.73 9.48 20.68
N LYS A 155 6.93 8.88 20.46
CA LYS A 155 8.13 9.11 21.27
C LYS A 155 8.56 10.58 21.12
N TRP A 156 8.68 11.06 19.88
CA TRP A 156 9.07 12.43 19.58
C TRP A 156 8.05 13.45 20.10
N PHE A 157 6.74 13.16 19.94
CA PHE A 157 5.68 14.05 20.41
C PHE A 157 5.64 14.16 21.92
N ARG A 158 5.82 13.05 22.65
CA ARG A 158 5.81 13.07 24.12
C ARG A 158 6.97 13.87 24.69
N MET A 159 8.12 13.88 23.98
CA MET A 159 9.33 14.63 24.34
C MET A 159 9.15 16.16 24.21
N GLY A 160 8.13 16.55 23.44
CA GLY A 160 7.76 17.95 23.21
C GLY A 160 8.15 18.51 21.85
N PHE A 161 8.44 17.62 20.87
CA PHE A 161 8.79 18.02 19.50
C PHE A 161 7.54 18.23 18.64
N ARG A 162 7.61 19.21 17.71
CA ARG A 162 6.49 19.49 16.80
C ARG A 162 6.94 19.66 15.32
N THR A 163 8.23 19.99 15.07
CA THR A 163 8.79 20.15 13.71
C THR A 163 9.91 19.15 13.42
N LEU A 164 10.04 18.74 12.14
CA LEU A 164 11.09 17.82 11.67
C LEU A 164 12.49 18.46 11.69
N SER A 165 12.53 19.80 11.74
CA SER A 165 13.75 20.61 11.77
C SER A 165 14.37 20.57 13.15
N LYS A 166 13.56 20.74 14.21
CA LYS A 166 14.05 20.67 15.59
C LYS A 166 14.48 19.25 15.94
N ILE A 167 13.81 18.24 15.34
CA ILE A 167 14.11 16.80 15.48
C ILE A 167 15.50 16.50 14.90
N GLN A 168 15.75 16.91 13.64
CA GLN A 168 17.00 16.70 12.93
C GLN A 168 18.20 17.38 13.59
N SER A 169 17.98 18.58 14.17
CA SER A 169 19.01 19.39 14.84
C SER A 169 19.23 19.05 16.34
N ASP A 170 18.96 17.78 16.74
CA ASP A 170 19.14 17.32 18.11
C ASP A 170 20.28 16.31 18.23
N LYS A 171 21.17 16.51 19.23
CA LYS A 171 22.33 15.65 19.52
C LYS A 171 21.95 14.39 20.32
N SER A 172 21.09 14.56 21.37
CA SER A 172 20.59 13.52 22.27
C SER A 172 19.93 12.32 21.58
N LEU A 173 19.35 12.53 20.36
CA LEU A 173 18.66 11.51 19.56
C LEU A 173 19.60 10.72 18.66
N ARG A 174 19.18 9.48 18.32
CA ARG A 174 19.90 8.57 17.43
C ARG A 174 18.94 7.89 16.47
N PHE A 175 19.12 8.21 15.18
CA PHE A 175 18.33 7.76 14.04
C PHE A 175 18.88 6.48 13.41
N THR A 176 17.97 5.63 12.89
CA THR A 176 18.30 4.37 12.24
C THR A 176 18.74 4.59 10.79
N GLN A 177 19.23 3.52 10.14
CA GLN A 177 19.68 3.58 8.74
C GLN A 177 18.55 3.94 7.80
N MET A 178 17.29 3.65 8.19
CA MET A 178 16.10 4.00 7.42
C MET A 178 15.78 5.47 7.68
N GLN A 179 15.80 5.88 8.98
CA GLN A 179 15.50 7.22 9.46
C GLN A 179 16.43 8.29 8.93
N LYS A 180 17.73 7.96 8.78
CA LYS A 180 18.72 8.89 8.23
C LYS A 180 18.46 9.10 6.73
N ALA A 181 18.21 7.99 5.99
CA ALA A 181 17.91 8.01 4.55
C ALA A 181 16.60 8.76 4.28
N GLY A 182 15.63 8.60 5.18
CA GLY A 182 14.33 9.26 5.12
C GLY A 182 14.46 10.76 5.24
N PHE A 183 15.40 11.24 6.09
CA PHE A 183 15.63 12.68 6.29
C PHE A 183 16.43 13.28 5.15
N LEU A 184 17.44 12.52 4.70
CA LEU A 184 18.36 12.89 3.62
C LEU A 184 17.62 13.18 2.31
N TYR A 185 16.65 12.32 1.94
CA TYR A 185 15.87 12.44 0.71
C TYR A 185 14.39 12.75 0.98
N TYR A 186 14.10 13.48 2.07
CA TYR A 186 12.73 13.82 2.47
C TYR A 186 11.89 14.52 1.38
N GLU A 187 12.25 15.74 0.97
CA GLU A 187 11.50 16.53 -0.01
C GLU A 187 11.19 15.80 -1.33
N ASP A 188 12.05 14.84 -1.73
CA ASP A 188 11.89 14.07 -2.98
C ASP A 188 10.99 12.87 -2.77
N LEU A 189 11.08 12.20 -1.60
CA LEU A 189 10.24 11.03 -1.30
C LEU A 189 8.84 11.48 -0.90
N VAL A 190 8.75 12.70 -0.31
CA VAL A 190 7.49 13.33 0.08
C VAL A 190 6.73 13.82 -1.18
N SER A 191 7.45 14.29 -2.21
CA SER A 191 6.82 14.67 -3.46
C SER A 191 6.64 13.34 -4.20
N CYS A 192 5.45 12.79 -4.06
CA CYS A 192 5.07 11.50 -4.59
C CYS A 192 5.34 11.34 -6.11
N VAL A 193 5.80 10.13 -6.50
CA VAL A 193 6.13 9.66 -7.86
C VAL A 193 4.98 9.91 -8.90
N ASN A 194 5.34 10.03 -10.19
CA ASN A 194 4.33 10.19 -11.26
C ASN A 194 4.44 9.05 -12.28
N ARG A 195 3.37 8.87 -13.12
CA ARG A 195 3.30 7.80 -14.13
C ARG A 195 4.53 7.80 -15.08
N PRO A 196 5.01 8.95 -15.67
CA PRO A 196 6.24 8.90 -16.48
C PRO A 196 7.47 8.46 -15.68
N GLU A 197 7.60 8.90 -14.38
CA GLU A 197 8.70 8.53 -13.48
C GLU A 197 8.69 7.03 -13.18
N ALA A 198 7.49 6.46 -12.96
CA ALA A 198 7.28 5.04 -12.69
C ALA A 198 7.62 4.19 -13.92
N GLU A 199 7.33 4.73 -15.13
CA GLU A 199 7.63 4.11 -16.41
C GLU A 199 9.15 4.13 -16.67
N ALA A 200 9.88 5.14 -16.14
CA ALA A 200 11.34 5.24 -16.25
C ALA A 200 11.98 4.19 -15.36
N VAL A 201 11.44 4.01 -14.12
CA VAL A 201 11.90 3.04 -13.12
C VAL A 201 11.71 1.62 -13.65
N SER A 202 10.50 1.29 -14.15
CA SER A 202 10.14 -0.02 -14.72
C SER A 202 10.98 -0.43 -15.93
N MET A 203 11.61 0.55 -16.61
CA MET A 203 12.52 0.30 -17.73
C MET A 203 13.88 -0.10 -17.13
N LEU A 204 14.32 0.63 -16.08
CA LEU A 204 15.58 0.42 -15.36
C LEU A 204 15.61 -0.90 -14.58
N VAL A 205 14.52 -1.23 -13.86
CA VAL A 205 14.37 -2.45 -13.07
C VAL A 205 14.36 -3.70 -13.97
N LYS A 206 13.61 -3.65 -15.09
CA LYS A 206 13.50 -4.74 -16.07
C LYS A 206 14.82 -5.05 -16.78
N GLU A 207 15.57 -4.01 -17.19
CA GLU A 207 16.86 -4.16 -17.87
C GLU A 207 17.92 -4.76 -16.95
N ALA A 208 17.91 -4.37 -15.67
CA ALA A 208 18.84 -4.88 -14.65
C ALA A 208 18.51 -6.31 -14.24
N VAL A 209 17.20 -6.64 -14.09
CA VAL A 209 16.73 -7.97 -13.73
C VAL A 209 16.92 -8.93 -14.92
N VAL A 210 16.68 -8.42 -16.14
CA VAL A 210 16.82 -9.15 -17.40
C VAL A 210 18.28 -9.52 -17.69
N THR A 211 19.23 -8.68 -17.24
CA THR A 211 20.68 -8.85 -17.39
C THR A 211 21.16 -10.11 -16.63
N PHE A 212 20.87 -10.21 -15.32
CA PHE A 212 21.29 -11.34 -14.48
C PHE A 212 20.39 -12.59 -14.63
N LEU A 213 19.18 -12.43 -15.21
CA LEU A 213 18.20 -13.51 -15.46
C LEU A 213 17.32 -13.12 -16.66
N PRO A 214 17.54 -13.71 -17.86
CA PRO A 214 16.75 -13.29 -19.03
C PRO A 214 15.33 -13.87 -19.12
N ASP A 215 15.13 -15.14 -18.69
CA ASP A 215 13.84 -15.84 -18.75
C ASP A 215 12.78 -15.28 -17.79
N ALA A 216 13.23 -14.54 -16.77
CA ALA A 216 12.39 -13.96 -15.73
C ALA A 216 11.31 -13.00 -16.24
N LEU A 217 10.12 -13.12 -15.64
CA LEU A 217 8.95 -12.28 -15.87
C LEU A 217 8.93 -11.27 -14.74
N VAL A 218 8.95 -9.98 -15.09
CA VAL A 218 8.92 -8.89 -14.11
C VAL A 218 7.67 -8.08 -14.34
N THR A 219 6.79 -8.05 -13.34
CA THR A 219 5.51 -7.35 -13.36
C THR A 219 5.46 -6.25 -12.28
N MET A 220 5.09 -5.03 -12.67
CA MET A 220 4.98 -3.88 -11.75
C MET A 220 3.68 -4.04 -10.95
N THR A 221 3.77 -4.08 -9.62
CA THR A 221 2.58 -4.26 -8.77
C THR A 221 2.17 -2.93 -8.11
N GLY A 222 1.35 -2.99 -7.05
CA GLY A 222 0.89 -1.82 -6.31
C GLY A 222 0.00 -0.85 -7.08
N GLY A 223 -0.02 0.40 -6.60
CA GLY A 223 -0.82 1.52 -7.10
C GLY A 223 -0.78 1.72 -8.60
N PHE A 224 0.43 1.62 -9.19
CA PHE A 224 0.68 1.79 -10.62
C PHE A 224 0.11 0.64 -11.45
N ARG A 225 -0.06 -0.57 -10.87
CA ARG A 225 -0.70 -1.67 -11.59
C ARG A 225 -2.21 -1.41 -11.67
N ARG A 226 -2.76 -0.70 -10.67
CA ARG A 226 -4.18 -0.36 -10.59
C ARG A 226 -4.53 0.93 -11.35
N GLY A 227 -3.66 1.32 -12.28
CA GLY A 227 -3.83 2.50 -13.13
C GLY A 227 -3.79 3.84 -12.42
N LYS A 228 -2.93 3.96 -11.41
CA LYS A 228 -2.78 5.21 -10.67
C LYS A 228 -1.83 6.13 -11.40
N MET A 229 -1.99 7.44 -11.18
CA MET A 229 -1.15 8.45 -11.81
C MET A 229 -0.01 8.86 -10.89
N THR A 230 -0.30 8.98 -9.59
CA THR A 230 0.65 9.32 -8.53
C THR A 230 0.77 8.16 -7.52
N GLY A 231 1.97 7.96 -6.99
CA GLY A 231 2.26 6.92 -6.00
C GLY A 231 3.33 7.32 -5.00
N HIS A 232 3.34 6.72 -3.81
CA HIS A 232 4.35 7.02 -2.80
C HIS A 232 5.64 6.28 -3.15
N ASP A 233 5.51 5.12 -3.81
CA ASP A 233 6.58 4.19 -4.23
C ASP A 233 6.20 3.44 -5.52
N VAL A 234 7.15 2.65 -6.06
CA VAL A 234 7.00 1.81 -7.27
C VAL A 234 7.27 0.36 -6.85
N ASP A 235 6.26 -0.51 -6.96
CA ASP A 235 6.39 -1.90 -6.54
C ASP A 235 6.60 -2.81 -7.75
N PHE A 236 7.28 -3.94 -7.54
CA PHE A 236 7.59 -4.95 -8.57
C PHE A 236 7.53 -6.35 -8.04
N LEU A 237 7.29 -7.29 -8.96
CA LEU A 237 7.29 -8.72 -8.67
C LEU A 237 8.27 -9.36 -9.64
N ILE A 238 9.21 -10.13 -9.11
CA ILE A 238 10.19 -10.83 -9.92
C ILE A 238 10.03 -12.33 -9.70
N THR A 239 10.00 -13.10 -10.81
CA THR A 239 9.91 -14.56 -10.87
C THR A 239 10.43 -15.08 -12.24
N SER A 240 11.18 -16.19 -12.21
CA SER A 240 11.78 -16.80 -13.41
C SER A 240 11.37 -18.28 -13.52
N PRO A 241 10.80 -18.73 -14.68
CA PRO A 241 10.37 -20.14 -14.78
C PRO A 241 11.48 -21.18 -14.73
N ALA A 243 14.96 -21.29 -13.36
CA ALA A 243 14.52 -21.23 -11.97
C ALA A 243 15.45 -22.00 -11.05
N THR A 244 16.61 -21.40 -10.71
CA THR A 244 17.59 -22.00 -9.80
C THR A 244 17.30 -21.52 -8.38
N GLU A 245 17.05 -22.46 -7.45
CA GLU A 245 16.78 -22.18 -6.02
C GLU A 245 17.90 -21.36 -5.39
N ASP A 246 19.13 -21.60 -5.87
CA ASP A 246 20.34 -20.88 -5.45
C ASP A 246 20.45 -19.56 -6.23
N GLU A 247 20.08 -19.56 -7.53
CA GLU A 247 20.17 -18.39 -8.41
C GLU A 247 19.21 -17.27 -8.06
N GLU A 248 17.99 -17.62 -7.58
CA GLU A 248 16.96 -16.67 -7.17
C GLU A 248 17.41 -15.87 -5.97
N GLN A 249 18.01 -16.57 -4.96
CA GLN A 249 18.55 -16.04 -3.72
C GLN A 249 19.65 -15.02 -3.97
N GLN A 250 20.32 -15.11 -5.13
CA GLN A 250 21.39 -14.19 -5.48
C GLN A 250 20.84 -13.04 -6.33
N LEU A 251 19.70 -13.26 -7.04
CA LEU A 251 19.04 -12.31 -7.94
C LEU A 251 18.92 -10.88 -7.39
N LEU A 252 18.29 -10.73 -6.20
CA LEU A 252 18.09 -9.45 -5.50
C LEU A 252 19.40 -8.73 -5.21
N HIS A 253 20.45 -9.51 -4.88
CA HIS A 253 21.78 -8.99 -4.55
C HIS A 253 22.53 -8.60 -5.81
N LYS A 254 22.31 -9.37 -6.89
CA LYS A 254 22.95 -9.14 -8.19
C LYS A 254 22.55 -7.81 -8.81
N VAL A 255 21.23 -7.52 -8.80
CA VAL A 255 20.63 -6.31 -9.36
C VAL A 255 20.93 -5.06 -8.55
N THR A 256 21.01 -5.19 -7.21
CA THR A 256 21.29 -4.05 -6.32
C THR A 256 22.76 -3.66 -6.36
N ASP A 257 23.69 -4.64 -6.17
CA ASP A 257 25.13 -4.43 -6.24
C ASP A 257 25.50 -3.78 -7.58
N PHE A 258 24.82 -4.20 -8.67
CA PHE A 258 24.98 -3.66 -10.03
C PHE A 258 24.60 -2.16 -10.10
N TRP A 259 23.55 -1.75 -9.35
CA TRP A 259 23.04 -0.38 -9.24
C TRP A 259 23.91 0.46 -8.30
N LYS A 260 24.60 -0.21 -7.34
CA LYS A 260 25.52 0.40 -6.38
C LYS A 260 26.86 0.73 -7.07
N GLN A 261 27.26 -0.10 -8.06
CA GLN A 261 28.47 0.07 -8.87
C GLN A 261 28.33 1.32 -9.73
N GLN A 262 27.07 1.61 -10.16
CA GLN A 262 26.68 2.79 -10.96
C GLN A 262 26.44 3.97 -10.00
N GLY A 263 26.27 3.65 -8.72
CA GLY A 263 26.02 4.63 -7.66
C GLY A 263 24.63 5.20 -7.67
N LEU A 264 23.69 4.46 -8.29
CA LEU A 264 22.29 4.83 -8.41
C LEU A 264 21.42 4.23 -7.26
N LEU A 265 22.08 3.59 -6.28
CA LEU A 265 21.47 2.92 -5.11
C LEU A 265 21.78 3.73 -3.83
N LEU A 266 20.92 4.71 -3.52
CA LEU A 266 21.06 5.60 -2.35
C LEU A 266 20.80 4.87 -1.02
N TYR A 267 19.80 3.96 -0.99
CA TYR A 267 19.46 3.15 0.17
C TYR A 267 19.12 1.70 -0.22
N CYS A 268 19.54 0.75 0.62
CA CYS A 268 19.26 -0.68 0.39
C CYS A 268 19.06 -1.46 1.66
N ASP A 269 18.12 -2.41 1.62
CA ASP A 269 17.75 -3.28 2.72
C ASP A 269 17.08 -4.54 2.13
N ILE A 270 17.73 -5.70 2.26
CA ILE A 270 17.24 -7.00 1.75
C ILE A 270 16.79 -7.92 2.90
N LEU A 271 15.69 -8.67 2.67
CA LEU A 271 15.13 -9.60 3.65
C LEU A 271 15.15 -11.03 3.10
N GLU A 272 15.57 -12.01 3.92
CA GLU A 272 15.63 -13.45 3.58
C GLU A 272 14.23 -14.07 3.33
N SER A 273 14.19 -15.15 2.54
CA SER A 273 12.92 -15.83 2.23
C SER A 273 12.51 -16.83 3.30
N PRO A 281 2.81 -22.77 5.01
CA PRO A 281 1.58 -23.56 5.09
C PRO A 281 0.73 -23.13 6.30
N SER A 282 -0.58 -22.80 6.03
CA SER A 282 -1.59 -22.28 6.96
C SER A 282 -1.07 -21.02 7.67
N ARG A 283 -0.30 -20.20 6.93
CA ARG A 283 0.37 -18.98 7.39
C ARG A 283 -0.61 -17.90 7.88
N LYS A 284 -0.32 -17.38 9.10
CA LYS A 284 -1.10 -16.37 9.84
C LYS A 284 -0.22 -15.58 10.84
N VAL A 285 -0.70 -14.37 11.26
CA VAL A 285 -0.05 -13.42 12.21
C VAL A 285 1.31 -12.90 11.66
N ASP A 286 1.42 -12.80 10.32
CA ASP A 286 2.61 -12.34 9.63
C ASP A 286 2.33 -11.18 8.65
N ALA A 287 2.44 -9.91 9.12
CA ALA A 287 2.19 -8.69 8.34
C ALA A 287 2.79 -8.80 6.95
N LEU A 288 4.11 -8.88 6.86
CA LEU A 288 4.78 -9.01 5.57
C LEU A 288 5.05 -10.48 5.27
N ASP A 289 4.87 -10.88 4.00
CA ASP A 289 5.01 -12.23 3.48
C ASP A 289 6.44 -12.82 3.67
N HIS A 290 6.56 -14.14 3.51
CA HIS A 290 7.77 -14.92 3.67
C HIS A 290 8.63 -14.93 2.39
N PHE A 291 8.34 -14.02 1.44
CA PHE A 291 9.11 -13.96 0.21
C PHE A 291 10.37 -13.13 0.37
N GLN A 292 11.42 -13.46 -0.41
CA GLN A 292 12.65 -12.67 -0.42
C GLN A 292 12.23 -11.31 -0.99
N LYS A 293 12.69 -10.20 -0.37
CA LYS A 293 12.32 -8.84 -0.80
C LYS A 293 13.31 -7.74 -0.39
N CYS A 294 13.22 -6.55 -1.06
CA CYS A 294 14.06 -5.41 -0.71
C CYS A 294 13.37 -4.05 -0.87
N PHE A 295 13.59 -3.16 0.12
CA PHE A 295 13.05 -1.79 0.20
C PHE A 295 14.19 -0.83 -0.12
N LEU A 296 14.11 -0.18 -1.27
CA LEU A 296 15.17 0.69 -1.76
C LEU A 296 14.77 2.12 -1.99
N ILE A 297 15.78 3.00 -2.05
CA ILE A 297 15.70 4.39 -2.50
C ILE A 297 16.73 4.48 -3.64
N LEU A 298 16.26 4.60 -4.90
CA LEU A 298 17.13 4.67 -6.10
C LEU A 298 17.15 6.07 -6.74
N LYS A 299 18.31 6.41 -7.36
CA LYS A 299 18.51 7.68 -8.07
C LYS A 299 18.04 7.51 -9.50
N LEU A 300 17.11 8.38 -9.91
CA LEU A 300 16.50 8.41 -11.22
C LEU A 300 17.01 9.67 -11.91
N ASP A 301 17.95 9.54 -12.89
CA ASP A 301 18.50 10.67 -13.63
C ASP A 301 17.35 11.29 -14.43
N HIS A 302 17.24 12.64 -14.42
CA HIS A 302 16.17 13.40 -15.08
C HIS A 302 15.93 13.03 -16.55
N GLY A 303 17.01 12.71 -17.28
CA GLY A 303 16.97 12.35 -18.69
C GLY A 303 16.30 11.02 -19.04
N ARG A 304 16.26 10.08 -18.05
CA ARG A 304 15.65 8.75 -18.18
C ARG A 304 14.12 8.83 -18.23
N VAL A 305 13.55 9.87 -17.58
CA VAL A 305 12.11 10.12 -17.52
C VAL A 305 11.71 11.13 -18.60
N HIS A 306 10.77 10.72 -19.49
CA HIS A 306 10.24 11.53 -20.58
C HIS A 306 8.76 11.83 -20.36
N GLY A 315 17.20 21.41 -11.57
CA GLY A 315 17.30 21.61 -10.13
C GLY A 315 18.58 21.05 -9.54
N LYS A 316 18.78 19.72 -9.69
CA LYS A 316 19.97 18.99 -9.23
C LYS A 316 20.31 17.83 -10.17
N GLY A 317 19.39 17.53 -11.10
CA GLY A 317 19.54 16.48 -12.11
C GLY A 317 19.14 15.09 -11.66
N TRP A 318 18.69 14.95 -10.41
CA TRP A 318 18.30 13.66 -9.84
C TRP A 318 16.94 13.74 -9.11
N LYS A 319 16.43 12.57 -8.68
CA LYS A 319 15.19 12.36 -7.92
C LYS A 319 15.25 11.02 -7.21
N ALA A 320 15.09 11.03 -5.89
CA ALA A 320 15.12 9.82 -5.09
C ALA A 320 13.75 9.16 -5.14
N ILE A 321 13.71 7.87 -5.54
CA ILE A 321 12.47 7.12 -5.67
C ILE A 321 12.50 5.84 -4.86
N ARG A 322 11.42 5.62 -4.09
CA ARG A 322 11.25 4.45 -3.26
C ARG A 322 10.82 3.23 -4.12
N VAL A 323 11.64 2.15 -4.13
CA VAL A 323 11.32 0.95 -4.92
C VAL A 323 11.30 -0.31 -4.03
N ASP A 324 10.23 -1.11 -4.17
CA ASP A 324 10.08 -2.40 -3.49
C ASP A 324 10.13 -3.56 -4.50
N LEU A 325 11.12 -4.45 -4.37
CA LEU A 325 11.26 -5.63 -5.24
C LEU A 325 10.92 -6.88 -4.45
N VAL A 326 10.14 -7.80 -5.05
CA VAL A 326 9.71 -9.02 -4.36
C VAL A 326 10.08 -10.22 -5.23
N MET A 327 10.77 -11.21 -4.65
CA MET A 327 11.13 -12.41 -5.39
C MET A 327 10.36 -13.58 -4.81
N CYS A 328 9.68 -14.34 -5.68
CA CYS A 328 8.91 -15.49 -5.24
C CYS A 328 9.09 -16.68 -6.18
N PRO A 329 8.88 -17.94 -5.68
CA PRO A 329 8.91 -19.10 -6.59
C PRO A 329 7.81 -18.99 -7.64
N TYR A 330 8.05 -19.53 -8.83
CA TYR A 330 7.12 -19.52 -9.97
C TYR A 330 5.73 -20.04 -9.61
N ASP A 331 5.66 -21.12 -8.80
CA ASP A 331 4.41 -21.77 -8.35
C ASP A 331 3.48 -20.86 -7.51
N ARG A 332 4.04 -19.79 -6.91
CA ARG A 332 3.31 -18.84 -6.06
C ARG A 332 3.00 -17.50 -6.75
N ARG A 333 3.46 -17.31 -8.02
CA ARG A 333 3.33 -16.09 -8.84
C ARG A 333 1.96 -15.43 -8.73
N ALA A 334 0.89 -16.23 -8.89
CA ALA A 334 -0.51 -15.79 -8.81
C ALA A 334 -0.84 -15.18 -7.44
N PHE A 335 -0.50 -15.89 -6.36
CA PHE A 335 -0.72 -15.49 -4.97
C PHE A 335 0.02 -14.17 -4.64
N ALA A 336 1.31 -14.11 -4.97
CA ALA A 336 2.17 -12.93 -4.83
C ALA A 336 1.59 -11.70 -5.59
N LEU A 337 1.26 -11.85 -6.91
CA LEU A 337 0.71 -10.78 -7.75
C LEU A 337 -0.56 -10.24 -7.13
N LEU A 338 -1.54 -11.13 -6.83
CA LEU A 338 -2.79 -10.75 -6.18
C LEU A 338 -2.51 -9.98 -4.92
N GLY A 339 -1.63 -10.51 -4.06
CA GLY A 339 -1.27 -9.92 -2.78
C GLY A 339 -0.47 -8.64 -2.84
N TRP A 340 0.15 -8.32 -3.99
CA TRP A 340 0.98 -7.13 -4.16
C TRP A 340 0.35 -6.05 -5.02
N THR A 341 -0.72 -6.39 -5.77
CA THR A 341 -1.51 -5.45 -6.58
C THR A 341 -2.28 -4.52 -5.61
N GLY A 342 -2.86 -5.10 -4.56
CA GLY A 342 -3.65 -4.35 -3.58
C GLY A 342 -5.05 -4.03 -4.08
N SER A 343 -5.71 -2.98 -3.54
CA SER A 343 -5.22 -2.09 -2.48
C SER A 343 -5.24 -2.75 -1.09
N ARG A 344 -4.81 -2.00 -0.05
CA ARG A 344 -4.81 -2.46 1.33
C ARG A 344 -6.20 -3.02 1.68
N GLN A 345 -7.27 -2.26 1.37
CA GLN A 345 -8.65 -2.61 1.71
C GLN A 345 -9.17 -3.75 0.90
N PHE A 346 -8.70 -3.88 -0.35
CA PHE A 346 -9.10 -5.02 -1.17
C PHE A 346 -8.50 -6.28 -0.54
N GLU A 347 -7.16 -6.28 -0.17
CA GLU A 347 -6.43 -7.45 0.41
C GLU A 347 -6.95 -7.93 1.71
N ARG A 348 -7.15 -7.04 2.67
CA ARG A 348 -7.69 -7.42 3.97
C ARG A 348 -9.11 -7.93 3.88
N ASP A 349 -9.89 -7.47 2.90
CA ASP A 349 -11.25 -7.96 2.73
C ASP A 349 -11.28 -9.30 2.00
N LEU A 350 -10.27 -9.58 1.17
CA LEU A 350 -10.12 -10.84 0.45
C LEU A 350 -9.95 -11.96 1.47
N ARG A 351 -9.13 -11.69 2.51
CA ARG A 351 -8.84 -12.58 3.62
C ARG A 351 -10.05 -12.74 4.49
N ARG A 352 -10.71 -11.63 4.83
CA ARG A 352 -11.91 -11.61 5.68
C ARG A 352 -13.05 -12.37 5.03
N TYR A 353 -13.18 -12.25 3.68
CA TYR A 353 -14.17 -12.97 2.92
C TYR A 353 -13.88 -14.46 2.98
N ALA A 354 -12.66 -14.89 2.63
CA ALA A 354 -12.23 -16.28 2.64
C ALA A 354 -12.55 -16.91 3.99
N THR A 355 -12.06 -16.29 5.04
CA THR A 355 -12.26 -16.73 6.42
C THR A 355 -13.74 -16.89 6.76
N HIS A 356 -14.46 -15.77 6.91
CA HIS A 356 -15.86 -15.69 7.35
C HIS A 356 -16.90 -16.22 6.38
N GLU A 357 -16.63 -16.19 5.08
CA GLU A 357 -17.62 -16.63 4.10
C GLU A 357 -17.30 -17.97 3.39
N ARG A 358 -16.03 -18.30 3.22
CA ARG A 358 -15.65 -19.54 2.52
C ARG A 358 -14.92 -20.56 3.38
N LYS A 359 -14.77 -20.32 4.70
CA LYS A 359 -14.06 -21.21 5.64
C LYS A 359 -12.70 -21.65 5.05
N MET A 360 -11.97 -20.70 4.44
CA MET A 360 -10.67 -20.85 3.81
C MET A 360 -9.64 -19.94 4.50
N MET A 361 -8.39 -19.96 4.01
CA MET A 361 -7.29 -19.17 4.53
C MET A 361 -6.44 -18.59 3.39
N LEU A 362 -6.61 -17.29 3.13
CA LEU A 362 -5.88 -16.58 2.08
C LEU A 362 -4.66 -15.77 2.62
N ASP A 363 -3.54 -15.83 1.90
CA ASP A 363 -2.31 -15.07 2.13
C ASP A 363 -1.59 -14.86 0.81
N ASN A 364 -0.37 -14.28 0.84
CA ASN A 364 0.41 -14.00 -0.36
C ASN A 364 1.11 -15.22 -0.93
N HIS A 365 1.09 -16.35 -0.22
CA HIS A 365 1.77 -17.59 -0.66
C HIS A 365 0.84 -18.64 -1.22
N ALA A 366 -0.35 -18.79 -0.60
CA ALA A 366 -1.32 -19.77 -1.03
C ALA A 366 -2.73 -19.49 -0.53
N LEU A 367 -3.67 -20.40 -0.87
CA LEU A 367 -5.06 -20.42 -0.48
C LEU A 367 -5.39 -21.83 0.01
N TYR A 368 -5.71 -21.98 1.31
CA TYR A 368 -6.02 -23.27 1.90
C TYR A 368 -7.50 -23.38 2.24
N ASP A 369 -8.16 -24.47 1.77
CA ASP A 369 -9.55 -24.77 2.11
C ASP A 369 -9.50 -25.67 3.34
N ARG A 370 -10.06 -25.21 4.47
CA ARG A 370 -10.08 -25.97 5.74
C ARG A 370 -11.02 -27.14 5.70
N THR A 371 -12.20 -27.00 5.07
CA THR A 371 -13.20 -28.07 4.96
C THR A 371 -12.65 -29.26 4.18
N LYS A 372 -12.19 -29.01 2.94
CA LYS A 372 -11.59 -30.00 2.05
C LYS A 372 -10.11 -30.30 2.38
N ARG A 373 -9.54 -29.69 3.45
CA ARG A 373 -8.16 -29.86 3.96
C ARG A 373 -7.08 -29.87 2.85
N VAL A 374 -7.28 -29.08 1.78
CA VAL A 374 -6.35 -29.00 0.63
C VAL A 374 -5.95 -27.54 0.31
N PHE A 375 -4.74 -27.39 -0.25
CA PHE A 375 -4.14 -26.13 -0.71
C PHE A 375 -4.50 -26.00 -2.20
N LEU A 376 -5.41 -25.07 -2.47
CA LEU A 376 -5.91 -24.77 -3.81
C LEU A 376 -4.84 -23.97 -4.56
N GLU A 377 -4.27 -24.55 -5.63
CA GLU A 377 -3.24 -23.86 -6.42
C GLU A 377 -3.90 -22.94 -7.48
N ALA A 378 -3.07 -22.12 -8.19
CA ALA A 378 -3.54 -21.19 -9.21
C ALA A 378 -2.38 -20.69 -10.08
N GLU A 379 -2.59 -20.66 -11.40
CA GLU A 379 -1.56 -20.23 -12.35
C GLU A 379 -1.82 -18.80 -12.79
N SER A 380 -2.86 -18.17 -12.21
CA SER A 380 -3.33 -16.80 -12.51
C SER A 380 -4.19 -16.26 -11.35
N GLU A 381 -4.48 -14.96 -11.37
CA GLU A 381 -5.32 -14.34 -10.35
C GLU A 381 -6.76 -14.82 -10.50
N GLU A 382 -7.20 -15.03 -11.76
CA GLU A 382 -8.56 -15.46 -12.09
C GLU A 382 -8.95 -16.77 -11.45
N GLU A 383 -7.98 -17.69 -11.30
CA GLU A 383 -8.21 -18.99 -10.69
C GLU A 383 -8.46 -18.84 -9.17
N ILE A 384 -7.67 -17.96 -8.47
CA ILE A 384 -7.80 -17.64 -7.03
C ILE A 384 -9.21 -17.07 -6.76
N PHE A 385 -9.69 -16.14 -7.62
CA PHE A 385 -11.02 -15.55 -7.49
C PHE A 385 -12.10 -16.61 -7.63
N ALA A 386 -11.96 -17.50 -8.63
CA ALA A 386 -12.86 -18.61 -8.94
C ALA A 386 -12.93 -19.61 -7.81
N HIS A 387 -11.80 -19.84 -7.12
CA HIS A 387 -11.72 -20.77 -5.98
C HIS A 387 -12.51 -20.23 -4.83
N LEU A 388 -12.41 -18.90 -4.62
CA LEU A 388 -13.08 -18.13 -3.56
C LEU A 388 -14.56 -17.92 -3.87
N GLY A 389 -14.97 -18.22 -5.10
CA GLY A 389 -16.35 -18.04 -5.53
C GLY A 389 -16.70 -16.57 -5.69
N LEU A 390 -15.69 -15.77 -6.07
CA LEU A 390 -15.80 -14.33 -6.28
C LEU A 390 -15.67 -14.06 -7.76
N ASP A 391 -16.47 -13.11 -8.29
CA ASP A 391 -16.36 -12.71 -9.71
C ASP A 391 -15.03 -11.95 -9.88
N TYR A 392 -14.36 -12.04 -11.04
CA TYR A 392 -13.08 -11.36 -11.25
C TYR A 392 -13.21 -9.84 -11.27
N ILE A 393 -12.38 -9.19 -10.44
CA ILE A 393 -12.23 -7.75 -10.28
C ILE A 393 -10.79 -7.52 -10.75
N GLU A 394 -10.61 -6.97 -11.93
CA GLU A 394 -9.31 -6.71 -12.53
C GLU A 394 -8.53 -5.62 -11.73
N PRO A 395 -7.17 -5.55 -11.84
CA PRO A 395 -6.42 -4.52 -11.09
C PRO A 395 -7.05 -3.14 -11.00
N TRP A 396 -7.33 -2.48 -12.12
CA TRP A 396 -7.92 -1.14 -12.21
C TRP A 396 -9.20 -0.89 -11.36
N GLU A 397 -9.90 -1.97 -10.91
CA GLU A 397 -11.14 -1.90 -10.11
C GLU A 397 -10.96 -2.43 -8.65
N ARG A 398 -9.71 -2.49 -8.20
CA ARG A 398 -9.34 -2.95 -6.86
C ARG A 398 -8.92 -1.77 -5.98
N ASN A 399 -9.34 -0.55 -6.36
CA ASN A 399 -8.94 0.67 -5.65
C ASN A 399 -9.81 1.00 -4.46
N ALA A 400 -9.90 0.06 -3.50
CA ALA A 400 -10.73 0.20 -2.30
C ALA A 400 -10.07 1.04 -1.21
#